data_7BNU
#
_entry.id   7BNU
#
_cell.length_a   65.658
_cell.length_b   65.658
_cell.length_c   264.139
_cell.angle_alpha   90.000
_cell.angle_beta   90.000
_cell.angle_gamma   120.000
#
_symmetry.space_group_name_H-M   'P 65 2 2'
#
loop_
_entity.id
_entity.type
_entity.pdbx_description
1 polymer 'Vitamin D3 receptor A'
2 polymer 'Nuclear receptor coactivator 1'
3 non-polymer '1,25-Dihydroxy-16-ene-20-cyclopropyl-vitamin D3'
4 water water
#
loop_
_entity_poly.entity_id
_entity_poly.type
_entity_poly.pdbx_seq_one_letter_code
_entity_poly.pdbx_strand_id
1 'polypeptide(L)'
;GSHMLSDEQMQIINSLVEAHHKTYDDSYSDFVRFRPPVREGPVTRSASRAASLHSLSDASSDSFNHSPESVDTKLNFSNL
LMMYQDSGSPDSSEEDQQSRLSMLPHLADLVSYSIQKVIGFAKMIPGFRDLTAEDQIALLKSSAIEIIMLRSNQSFSLED
MSWSCGGPDFKYCINDVTKAGHTLEHLEPLVKFQVGLKKLKLHEEEHVLLMAICLLSPDRPGVQDHVRIEALQDRLCDVL
QAYIRIQHPGGRLLYAKMIQKLADLRSLNEEHSKQYRSLSFQPEHSMQLTPLVLEVFGSEVS
;
A2
2 'polypeptide(L)' RHKILHRLLQEGSPS B2
#
# COMPACT_ATOMS: atom_id res chain seq x y z
N MET A 4 11.27 21.32 18.27
CA MET A 4 10.31 21.44 17.17
C MET A 4 10.90 21.05 15.82
N LEU A 5 10.05 21.03 14.79
CA LEU A 5 10.42 20.63 13.44
C LEU A 5 10.86 21.82 12.60
N SER A 6 11.76 21.57 11.65
CA SER A 6 12.24 22.61 10.74
C SER A 6 11.25 22.81 9.59
N ASP A 7 11.43 23.92 8.89
CA ASP A 7 10.60 24.21 7.72
C ASP A 7 10.76 23.15 6.64
N GLU A 8 11.94 22.54 6.54
CA GLU A 8 12.15 21.51 5.52
C GLU A 8 11.35 20.26 5.84
N GLN A 9 11.37 19.81 7.10
CA GLN A 9 10.57 18.66 7.51
C GLN A 9 9.08 18.95 7.41
N MET A 10 8.68 20.18 7.74
CA MET A 10 7.27 20.52 7.64
C MET A 10 6.81 20.47 6.20
N GLN A 11 7.69 20.87 5.27
CA GLN A 11 7.36 20.82 3.85
C GLN A 11 7.16 19.40 3.38
N ILE A 12 8.05 18.48 3.79
CA ILE A 12 7.89 17.07 3.41
C ILE A 12 6.53 16.55 3.88
N ILE A 13 6.11 16.96 5.07
CA ILE A 13 4.81 16.56 5.59
C ILE A 13 3.69 17.11 4.70
N ASN A 14 3.76 18.40 4.37
CA ASN A 14 2.73 19.00 3.54
C ASN A 14 2.65 18.32 2.18
N SER A 15 3.80 18.06 1.56
CA SER A 15 3.81 17.37 0.27
C SER A 15 3.18 15.99 0.38
N LEU A 16 3.52 15.25 1.43
CA LEU A 16 3.04 13.87 1.55
C LEU A 16 1.54 13.83 1.84
N VAL A 17 1.06 14.72 2.71
CA VAL A 17 -0.35 14.75 3.04
C VAL A 17 -1.19 15.15 1.83
N GLU A 18 -0.68 16.10 1.03
CA GLU A 18 -1.39 16.51 -0.16
C GLU A 18 -1.39 15.40 -1.20
N ALA A 19 -0.25 14.72 -1.35
CA ALA A 19 -0.16 13.62 -2.30
C ALA A 19 -1.16 12.52 -1.98
N HIS A 20 -1.33 12.20 -0.69
CA HIS A 20 -2.30 11.18 -0.33
C HIS A 20 -3.73 11.66 -0.57
N HIS A 21 -3.97 12.94 -0.32
CA HIS A 21 -5.30 13.49 -0.56
C HIS A 21 -5.67 13.49 -2.04
N LYS A 22 -4.68 13.58 -2.93
CA LYS A 22 -4.95 13.61 -4.35
C LYS A 22 -5.20 12.23 -4.92
N THR A 23 -4.72 11.19 -4.25
CA THR A 23 -4.72 9.83 -4.76
C THR A 23 -5.60 8.89 -3.94
N TYR A 24 -6.39 9.41 -3.02
CA TYR A 24 -7.26 8.59 -2.20
C TYR A 24 -8.57 9.33 -2.10
N ASP A 25 -9.64 8.66 -2.51
CA ASP A 25 -10.95 9.29 -2.68
C ASP A 25 -11.89 8.66 -1.69
N ASP A 26 -12.15 9.38 -0.60
CA ASP A 26 -13.06 8.92 0.45
C ASP A 26 -14.48 8.68 -0.07
N SER A 27 -14.86 9.25 -1.22
CA SER A 27 -16.21 8.96 -1.73
C SER A 27 -16.30 7.55 -2.31
N TYR A 28 -15.16 6.97 -2.70
CA TYR A 28 -15.13 5.63 -3.30
C TYR A 28 -16.06 5.53 -4.50
N SER A 29 -16.34 6.66 -5.15
CA SER A 29 -17.34 6.70 -6.21
C SER A 29 -16.85 6.02 -7.49
N ASP A 30 -15.53 5.93 -7.70
CA ASP A 30 -15.00 5.22 -8.85
C ASP A 30 -15.21 3.72 -8.77
N PHE A 31 -15.62 3.18 -7.62
CA PHE A 31 -15.75 1.74 -7.51
C PHE A 31 -16.89 1.19 -8.35
N VAL A 32 -17.85 2.02 -8.76
CA VAL A 32 -18.93 1.53 -9.61
C VAL A 32 -18.42 1.12 -10.98
N ARG A 33 -17.20 1.52 -11.35
CA ARG A 33 -16.62 1.19 -12.64
C ARG A 33 -15.92 -0.17 -12.65
N PHE A 34 -15.64 -0.74 -11.48
CA PHE A 34 -15.07 -2.08 -11.45
C PHE A 34 -16.12 -3.10 -11.87
N ARG A 35 -15.64 -4.23 -12.38
CA ARG A 35 -16.51 -5.38 -12.51
C ARG A 35 -17.16 -5.63 -11.15
N PRO A 36 -18.46 -5.87 -11.11
CA PRO A 36 -19.19 -5.85 -9.83
C PRO A 36 -18.77 -7.01 -8.94
N PRO A 37 -18.97 -6.88 -7.63
CA PRO A 37 -18.75 -8.03 -6.73
C PRO A 37 -19.81 -9.10 -6.93
N VAL A 38 -19.41 -10.36 -6.77
CA VAL A 38 -20.33 -11.50 -6.79
C VAL A 38 -20.04 -12.37 -5.57
N ARG A 39 -21.03 -12.53 -4.69
CA ARG A 39 -20.88 -13.35 -3.50
C ARG A 39 -21.42 -14.77 -3.68
N LEU A 101 -14.36 -18.61 -7.78
CA LEU A 101 -13.68 -17.36 -7.41
C LEU A 101 -14.45 -16.13 -7.90
N SER A 102 -15.66 -15.96 -7.37
CA SER A 102 -16.58 -14.96 -7.89
C SER A 102 -16.13 -13.53 -7.58
N MET A 103 -15.38 -13.33 -6.51
CA MET A 103 -14.92 -11.99 -6.14
C MET A 103 -13.61 -11.60 -6.81
N LEU A 104 -12.96 -12.52 -7.51
CA LEU A 104 -11.71 -12.19 -8.20
C LEU A 104 -11.85 -11.02 -9.17
N PRO A 105 -12.83 -10.98 -10.09
CA PRO A 105 -12.89 -9.82 -11.00
C PRO A 105 -13.01 -8.47 -10.30
N HIS A 106 -13.86 -8.37 -9.29
CA HIS A 106 -14.02 -7.09 -8.60
C HIS A 106 -12.77 -6.71 -7.81
N LEU A 107 -12.18 -7.67 -7.10
CA LEU A 107 -11.00 -7.37 -6.29
C LEU A 107 -9.77 -7.15 -7.16
N ALA A 108 -9.69 -7.80 -8.32
CA ALA A 108 -8.58 -7.53 -9.23
C ALA A 108 -8.66 -6.13 -9.78
N ASP A 109 -9.89 -5.69 -10.11
CA ASP A 109 -10.11 -4.30 -10.49
C ASP A 109 -9.79 -3.35 -9.33
N LEU A 110 -10.25 -3.69 -8.12
CA LEU A 110 -9.95 -2.88 -6.94
C LEU A 110 -8.45 -2.68 -6.79
N VAL A 111 -7.69 -3.76 -6.86
CA VAL A 111 -6.24 -3.67 -6.66
C VAL A 111 -5.57 -2.97 -7.82
N SER A 112 -6.02 -3.25 -9.05
CA SER A 112 -5.42 -2.59 -10.21
C SER A 112 -5.61 -1.08 -10.14
N TYR A 113 -6.82 -0.63 -9.80
CA TYR A 113 -7.08 0.78 -9.58
C TYR A 113 -6.21 1.32 -8.44
N SER A 114 -6.03 0.54 -7.37
CA SER A 114 -5.22 1.02 -6.27
C SER A 114 -3.75 1.13 -6.66
N ILE A 115 -3.26 0.23 -7.50
CA ILE A 115 -1.87 0.34 -7.95
C ILE A 115 -1.64 1.67 -8.65
N GLN A 116 -2.61 2.09 -9.48
CA GLN A 116 -2.48 3.38 -10.14
C GLN A 116 -2.44 4.52 -9.13
N LYS A 117 -3.29 4.47 -8.11
CA LYS A 117 -3.26 5.50 -7.07
C LYS A 117 -1.90 5.55 -6.39
N VAL A 118 -1.32 4.37 -6.07
CA VAL A 118 -0.04 4.30 -5.38
C VAL A 118 1.10 4.83 -6.26
N ILE A 119 0.97 4.70 -7.59
CA ILE A 119 1.98 5.27 -8.50
C ILE A 119 1.89 6.79 -8.50
N GLY A 120 0.66 7.33 -8.45
CA GLY A 120 0.50 8.77 -8.33
C GLY A 120 1.07 9.32 -7.03
N PHE A 121 0.81 8.63 -5.91
CA PHE A 121 1.40 9.02 -4.63
C PHE A 121 2.92 9.06 -4.72
N ALA A 122 3.51 7.94 -5.15
CA ALA A 122 4.97 7.84 -5.25
C ALA A 122 5.57 9.00 -6.03
N LYS A 123 4.99 9.31 -7.19
CA LYS A 123 5.53 10.38 -8.04
C LYS A 123 5.60 11.72 -7.32
N MET A 124 4.78 11.92 -6.29
CA MET A 124 4.74 13.18 -5.56
C MET A 124 5.54 13.12 -4.27
N ILE A 125 6.12 11.97 -3.94
CA ILE A 125 7.06 11.90 -2.82
C ILE A 125 8.31 12.68 -3.19
N PRO A 126 8.75 13.62 -2.33
CA PRO A 126 9.98 14.38 -2.60
C PRO A 126 11.18 13.49 -2.90
N GLY A 127 11.70 13.59 -4.12
CA GLY A 127 12.90 12.89 -4.52
C GLY A 127 12.65 11.59 -5.26
N PHE A 128 11.45 11.02 -5.15
CA PHE A 128 11.15 9.80 -5.89
C PHE A 128 11.28 10.03 -7.38
N ARG A 129 10.76 11.15 -7.88
CA ARG A 129 10.78 11.43 -9.31
C ARG A 129 12.20 11.50 -9.85
N ASP A 130 13.18 11.84 -8.99
CA ASP A 130 14.56 12.02 -9.41
C ASP A 130 15.37 10.75 -9.39
N LEU A 131 14.82 9.65 -8.91
CA LEU A 131 15.45 8.34 -9.11
C LEU A 131 15.41 7.98 -10.60
N THR A 132 16.31 7.08 -11.00
CA THR A 132 16.19 6.53 -12.34
C THR A 132 14.87 5.78 -12.47
N ALA A 133 14.38 5.65 -13.70
CA ALA A 133 13.14 4.90 -13.91
C ALA A 133 13.28 3.47 -13.43
N GLU A 134 14.47 2.88 -13.58
CA GLU A 134 14.70 1.51 -13.13
C GLU A 134 14.42 1.36 -11.64
N ASP A 135 15.05 2.21 -10.81
CA ASP A 135 14.82 2.15 -9.37
C ASP A 135 13.35 2.42 -9.03
N GLN A 136 12.71 3.37 -9.70
CA GLN A 136 11.30 3.64 -9.41
C GLN A 136 10.46 2.39 -9.60
N ILE A 137 10.76 1.62 -10.65
CA ILE A 137 9.97 0.43 -10.97
C ILE A 137 10.22 -0.66 -9.94
N ALA A 138 11.50 -0.85 -9.56
CA ALA A 138 11.84 -1.86 -8.57
C ALA A 138 11.20 -1.57 -7.21
N LEU A 139 11.11 -0.29 -6.84
CA LEU A 139 10.51 0.05 -5.56
C LEU A 139 9.02 -0.20 -5.58
N LEU A 140 8.35 0.19 -6.67
CA LEU A 140 6.91 0.02 -6.76
C LEU A 140 6.52 -1.45 -6.89
N LYS A 141 7.28 -2.23 -7.66
CA LYS A 141 6.91 -3.64 -7.83
C LYS A 141 7.03 -4.39 -6.52
N SER A 142 8.05 -4.07 -5.73
CA SER A 142 8.22 -4.76 -4.46
C SER A 142 7.28 -4.25 -3.38
N SER A 143 6.97 -2.95 -3.39
CA SER A 143 6.23 -2.36 -2.28
C SER A 143 4.73 -2.20 -2.54
N ALA A 144 4.26 -2.43 -3.78
CA ALA A 144 2.88 -2.08 -4.13
C ALA A 144 1.87 -2.72 -3.20
N ILE A 145 1.94 -4.05 -3.03
CA ILE A 145 0.95 -4.74 -2.21
C ILE A 145 1.02 -4.27 -0.75
N GLU A 146 2.20 -3.84 -0.29
CA GLU A 146 2.34 -3.33 1.08
C GLU A 146 1.73 -1.93 1.22
N ILE A 147 1.96 -1.05 0.25
CA ILE A 147 1.34 0.27 0.30
C ILE A 147 -0.17 0.12 0.26
N ILE A 148 -0.65 -0.86 -0.50
CA ILE A 148 -2.08 -1.09 -0.61
C ILE A 148 -2.63 -1.62 0.70
N MET A 149 -1.94 -2.61 1.28
CA MET A 149 -2.33 -3.12 2.59
C MET A 149 -2.35 -2.00 3.64
N LEU A 150 -1.41 -1.05 3.55
CA LEU A 150 -1.37 0.06 4.51
C LEU A 150 -2.51 1.04 4.26
N ARG A 151 -2.71 1.44 2.99
CA ARG A 151 -3.67 2.51 2.72
C ARG A 151 -5.11 2.02 2.95
N SER A 152 -5.34 0.71 2.83
CA SER A 152 -6.66 0.15 3.13
C SER A 152 -7.04 0.26 4.61
N ASN A 153 -6.09 0.54 5.52
CA ASN A 153 -6.50 0.74 6.92
C ASN A 153 -7.53 1.86 7.04
N GLN A 154 -7.47 2.86 6.13
CA GLN A 154 -8.43 3.96 6.12
C GLN A 154 -9.88 3.51 5.94
N SER A 155 -10.13 2.41 5.21
CA SER A 155 -11.50 1.93 5.07
C SER A 155 -11.84 0.80 6.03
N PHE A 156 -10.82 0.13 6.58
CA PHE A 156 -11.05 -0.93 7.54
C PHE A 156 -11.77 -0.39 8.77
N SER A 157 -12.63 -1.22 9.35
CA SER A 157 -13.42 -0.84 10.49
C SER A 157 -13.30 -1.92 11.56
N LEU A 158 -13.02 -1.49 12.80
CA LEU A 158 -12.88 -2.45 13.88
C LEU A 158 -14.20 -3.06 14.27
N GLU A 159 -15.30 -2.35 14.03
CA GLU A 159 -16.64 -2.85 14.33
C GLU A 159 -16.91 -4.19 13.69
N ASP A 160 -17.01 -4.20 12.36
CA ASP A 160 -17.41 -5.37 11.60
C ASP A 160 -16.23 -6.18 11.05
N MET A 161 -15.00 -5.78 11.37
CA MET A 161 -13.80 -6.51 10.95
C MET A 161 -13.75 -6.67 9.43
N SER A 162 -13.93 -5.55 8.74
CA SER A 162 -13.99 -5.59 7.28
C SER A 162 -13.57 -4.23 6.74
N TRP A 163 -13.46 -4.15 5.42
CA TRP A 163 -13.18 -2.91 4.72
C TRP A 163 -14.49 -2.37 4.17
N SER A 164 -14.85 -1.14 4.54
CA SER A 164 -16.14 -0.56 4.19
C SER A 164 -15.91 0.67 3.34
N CYS A 165 -16.16 0.53 2.03
CA CYS A 165 -15.92 1.60 1.05
C CYS A 165 -17.26 2.16 0.59
N GLY A 166 -17.88 2.92 1.47
CA GLY A 166 -19.16 3.54 1.17
C GLY A 166 -20.33 2.62 1.45
N GLY A 167 -20.84 1.96 0.41
CA GLY A 167 -22.03 1.15 0.53
C GLY A 167 -21.75 -0.30 0.88
N PRO A 168 -22.82 -1.09 1.06
CA PRO A 168 -22.62 -2.50 1.43
C PRO A 168 -22.11 -3.37 0.30
N ASP A 169 -22.33 -2.99 -0.97
CA ASP A 169 -21.78 -3.80 -2.05
C ASP A 169 -20.26 -3.71 -2.11
N PHE A 170 -19.69 -2.59 -1.63
CA PHE A 170 -18.25 -2.39 -1.53
C PHE A 170 -17.75 -2.55 -0.10
N LYS A 171 -18.40 -3.43 0.68
CA LYS A 171 -17.95 -3.82 2.00
C LYS A 171 -17.42 -5.24 1.89
N TYR A 172 -16.13 -5.42 2.11
CA TYR A 172 -15.46 -6.70 1.89
C TYR A 172 -15.21 -7.37 3.23
N CYS A 173 -16.01 -8.38 3.54
N CYS A 173 -16.02 -8.37 3.56
CA CYS A 173 -15.76 -9.23 4.70
CA CYS A 173 -15.75 -9.19 4.73
C CYS A 173 -14.62 -10.18 4.39
C CYS A 173 -14.65 -10.20 4.39
N ILE A 174 -14.31 -11.04 5.36
CA ILE A 174 -13.23 -12.00 5.17
C ILE A 174 -13.69 -13.10 4.22
N ASN A 175 -14.98 -13.43 4.24
CA ASN A 175 -15.52 -14.41 3.31
C ASN A 175 -15.42 -13.93 1.88
N ASP A 176 -15.64 -12.63 1.65
CA ASP A 176 -15.54 -12.09 0.31
C ASP A 176 -14.16 -12.35 -0.28
N VAL A 177 -13.11 -12.18 0.51
CA VAL A 177 -11.77 -12.29 -0.04
C VAL A 177 -11.37 -13.76 -0.28
N THR A 178 -11.93 -14.70 0.49
CA THR A 178 -11.72 -16.11 0.16
C THR A 178 -12.25 -16.46 -1.23
N LYS A 179 -13.32 -15.79 -1.68
CA LYS A 179 -13.87 -15.97 -3.02
C LYS A 179 -13.02 -15.31 -4.09
N ALA A 180 -11.78 -14.95 -3.77
CA ALA A 180 -10.85 -14.41 -4.74
C ALA A 180 -9.51 -15.12 -4.66
N GLY A 181 -9.47 -16.33 -4.10
CA GLY A 181 -8.31 -17.19 -4.13
C GLY A 181 -7.39 -17.15 -2.91
N HIS A 182 -7.78 -16.50 -1.83
CA HIS A 182 -6.92 -16.36 -0.67
C HIS A 182 -7.46 -17.20 0.48
N THR A 183 -6.64 -18.13 0.96
CA THR A 183 -6.99 -18.90 2.13
C THR A 183 -6.89 -18.02 3.38
N LEU A 184 -7.49 -18.50 4.45
CA LEU A 184 -7.38 -17.81 5.72
C LEU A 184 -5.98 -17.92 6.30
N GLU A 185 -5.13 -18.79 5.76
CA GLU A 185 -3.72 -18.78 6.13
C GLU A 185 -3.07 -17.44 5.84
N HIS A 186 -3.58 -16.70 4.85
CA HIS A 186 -3.15 -15.35 4.56
C HIS A 186 -4.03 -14.29 5.19
N LEU A 187 -5.35 -14.51 5.22
CA LEU A 187 -6.26 -13.46 5.64
C LEU A 187 -6.22 -13.27 7.16
N GLU A 188 -5.85 -14.30 7.92
CA GLU A 188 -5.70 -14.14 9.37
C GLU A 188 -4.64 -13.10 9.72
N PRO A 189 -3.37 -13.23 9.31
CA PRO A 189 -2.40 -12.18 9.65
C PRO A 189 -2.75 -10.85 9.05
N LEU A 190 -3.44 -10.82 7.91
CA LEU A 190 -3.77 -9.55 7.27
C LEU A 190 -4.75 -8.76 8.11
N VAL A 191 -5.79 -9.42 8.62
CA VAL A 191 -6.76 -8.69 9.44
C VAL A 191 -6.19 -8.37 10.82
N LYS A 192 -5.38 -9.28 11.37
CA LYS A 192 -4.69 -8.95 12.61
C LYS A 192 -3.78 -7.74 12.40
N PHE A 193 -3.14 -7.65 11.23
CA PHE A 193 -2.33 -6.48 10.93
C PHE A 193 -3.20 -5.23 10.87
N GLN A 194 -4.34 -5.30 10.17
CA GLN A 194 -5.22 -4.15 10.08
C GLN A 194 -5.76 -3.73 11.45
N VAL A 195 -6.03 -4.69 12.32
CA VAL A 195 -6.58 -4.35 13.64
C VAL A 195 -5.51 -3.70 14.51
N GLY A 196 -4.30 -4.25 14.53
CA GLY A 196 -3.22 -3.60 15.26
C GLY A 196 -2.94 -2.21 14.73
N LEU A 197 -2.87 -2.06 13.40
CA LEU A 197 -2.64 -0.76 12.80
C LEU A 197 -3.75 0.22 13.17
N LYS A 198 -5.01 -0.24 13.12
CA LYS A 198 -6.11 0.62 13.55
C LYS A 198 -5.93 1.06 14.99
N LYS A 199 -5.51 0.14 15.87
CA LYS A 199 -5.33 0.45 17.28
C LYS A 199 -4.24 1.49 17.52
N LEU A 200 -3.27 1.61 16.61
CA LEU A 200 -2.25 2.64 16.74
C LEU A 200 -2.84 4.04 16.63
N LYS A 201 -4.02 4.18 16.01
CA LYS A 201 -4.73 5.45 15.89
C LYS A 201 -3.79 6.54 15.40
N LEU A 202 -3.17 6.27 14.26
CA LEU A 202 -2.16 7.16 13.70
C LEU A 202 -2.77 8.47 13.25
N HIS A 203 -1.98 9.53 13.35
CA HIS A 203 -2.30 10.76 12.66
C HIS A 203 -2.12 10.57 11.16
N GLU A 204 -2.84 11.39 10.40
CA GLU A 204 -2.72 11.37 8.94
C GLU A 204 -1.28 11.61 8.51
N GLU A 205 -0.61 12.58 9.17
CA GLU A 205 0.80 12.85 8.94
C GLU A 205 1.64 11.60 9.13
N GLU A 206 1.27 10.74 10.08
CA GLU A 206 2.07 9.56 10.38
C GLU A 206 1.72 8.41 9.48
N HIS A 207 0.45 8.35 9.05
CA HIS A 207 0.00 7.38 8.07
C HIS A 207 0.73 7.58 6.74
N VAL A 208 0.76 8.82 6.24
CA VAL A 208 1.38 9.08 4.95
C VAL A 208 2.90 8.91 5.04
N LEU A 209 3.50 9.35 6.16
CA LEU A 209 4.95 9.16 6.36
C LEU A 209 5.30 7.68 6.29
N LEU A 210 4.53 6.84 6.98
CA LEU A 210 4.76 5.40 6.94
C LEU A 210 4.67 4.84 5.51
N MET A 211 3.65 5.26 4.74
CA MET A 211 3.54 4.77 3.36
C MET A 211 4.75 5.17 2.54
N ALA A 212 5.24 6.39 2.78
CA ALA A 212 6.38 6.87 1.99
C ALA A 212 7.67 6.18 2.42
N ILE A 213 7.79 5.85 3.72
CA ILE A 213 8.96 5.13 4.20
C ILE A 213 8.94 3.69 3.68
N CYS A 214 7.75 3.09 3.61
CA CYS A 214 7.62 1.74 3.06
C CYS A 214 8.05 1.70 1.60
N LEU A 215 7.51 2.60 0.79
CA LEU A 215 7.91 2.69 -0.61
C LEU A 215 9.42 2.91 -0.74
N LEU A 216 9.97 3.84 0.03
CA LEU A 216 11.35 4.23 -0.14
C LEU A 216 12.32 3.33 0.63
N SER A 217 12.01 2.03 0.71
CA SER A 217 12.92 1.08 1.32
C SER A 217 14.00 0.67 0.32
N PRO A 218 15.28 0.83 0.64
CA PRO A 218 16.32 0.35 -0.27
C PRO A 218 16.55 -1.15 -0.23
N ASP A 219 16.08 -1.85 0.81
CA ASP A 219 16.22 -3.30 0.88
C ASP A 219 15.10 -4.00 0.10
N ARG A 220 15.06 -3.70 -1.20
CA ARG A 220 14.16 -4.37 -2.12
C ARG A 220 14.95 -4.98 -3.25
N PRO A 221 14.55 -6.15 -3.73
CA PRO A 221 15.20 -6.72 -4.91
C PRO A 221 15.12 -5.76 -6.08
N GLY A 222 16.26 -5.55 -6.75
CA GLY A 222 16.29 -4.79 -7.97
C GLY A 222 16.86 -3.40 -7.86
N VAL A 223 16.79 -2.77 -6.68
CA VAL A 223 17.28 -1.40 -6.56
C VAL A 223 18.78 -1.37 -6.81
N GLN A 224 19.23 -0.30 -7.44
CA GLN A 224 20.64 -0.12 -7.76
C GLN A 224 21.29 0.99 -6.95
N ASP A 225 20.62 2.14 -6.83
CA ASP A 225 21.16 3.25 -6.03
C ASP A 225 20.69 3.09 -4.60
N HIS A 226 21.28 2.10 -3.92
CA HIS A 226 21.03 1.91 -2.50
C HIS A 226 21.24 3.20 -1.73
N VAL A 227 22.39 3.85 -1.94
CA VAL A 227 22.77 4.99 -1.11
C VAL A 227 21.75 6.10 -1.21
N ARG A 228 21.28 6.42 -2.42
CA ARG A 228 20.33 7.51 -2.55
C ARG A 228 18.99 7.15 -1.93
N ILE A 229 18.54 5.91 -2.11
CA ILE A 229 17.23 5.54 -1.58
C ILE A 229 17.24 5.50 -0.05
N GLU A 230 18.32 4.97 0.55
CA GLU A 230 18.41 4.95 2.00
C GLU A 230 18.47 6.35 2.59
N ALA A 231 19.15 7.27 1.91
CA ALA A 231 19.18 8.65 2.38
C ALA A 231 17.78 9.25 2.40
N LEU A 232 17.02 9.05 1.32
CA LEU A 232 15.63 9.51 1.29
C LEU A 232 14.83 8.93 2.44
N GLN A 233 14.96 7.62 2.67
CA GLN A 233 14.19 6.97 3.73
C GLN A 233 14.62 7.47 5.11
N ASP A 234 15.92 7.73 5.30
CA ASP A 234 16.37 8.24 6.59
C ASP A 234 15.77 9.61 6.87
N ARG A 235 15.80 10.50 5.88
CA ARG A 235 15.21 11.82 6.06
C ARG A 235 13.73 11.71 6.42
N LEU A 236 13.01 10.75 5.83
CA LEU A 236 11.59 10.57 6.17
C LEU A 236 11.42 10.02 7.58
N CYS A 237 12.24 9.06 7.96
CA CYS A 237 12.18 8.54 9.33
C CYS A 237 12.50 9.62 10.36
N ASP A 238 13.42 10.55 10.02
CA ASP A 238 13.72 11.63 10.96
C ASP A 238 12.55 12.58 11.10
N VAL A 239 11.86 12.88 9.99
CA VAL A 239 10.65 13.69 10.05
C VAL A 239 9.62 13.00 10.93
N LEU A 240 9.45 11.70 10.75
CA LEU A 240 8.43 10.98 11.49
C LEU A 240 8.77 10.91 12.97
N GLN A 241 10.01 10.56 13.28
CA GLN A 241 10.46 10.47 14.65
C GLN A 241 10.28 11.81 15.37
N ALA A 242 10.60 12.91 14.70
CA ALA A 242 10.39 14.23 15.28
C ALA A 242 8.92 14.61 15.32
N TYR A 243 8.14 14.21 14.30
CA TYR A 243 6.71 14.49 14.35
C TYR A 243 6.06 13.84 15.57
N ILE A 244 6.36 12.57 15.81
CA ILE A 244 5.76 11.87 16.94
C ILE A 244 6.13 12.54 18.25
N ARG A 245 7.42 12.83 18.42
CA ARG A 245 7.91 13.38 19.69
C ARG A 245 7.26 14.73 20.00
N ILE A 246 7.14 15.59 19.00
CA ILE A 246 6.72 16.96 19.21
C ILE A 246 5.20 17.14 19.10
N GLN A 247 4.54 16.36 18.23
CA GLN A 247 3.14 16.59 17.90
C GLN A 247 2.18 15.54 18.42
N HIS A 248 2.65 14.37 18.82
CA HIS A 248 1.76 13.29 19.24
C HIS A 248 1.86 12.99 20.73
N PRO A 249 0.86 13.33 21.56
CA PRO A 249 0.96 13.08 23.01
C PRO A 249 0.82 11.59 23.31
N GLY A 250 1.64 11.12 24.23
CA GLY A 250 1.69 9.70 24.55
C GLY A 250 2.28 8.80 23.50
N GLY A 251 3.03 9.33 22.54
CA GLY A 251 3.61 8.50 21.50
C GLY A 251 5.01 8.01 21.84
N ARG A 252 5.25 7.75 23.12
CA ARG A 252 6.60 7.42 23.59
C ARG A 252 7.20 6.24 22.83
N LEU A 253 6.40 5.21 22.60
CA LEU A 253 6.86 4.01 21.92
C LEU A 253 6.18 3.80 20.57
N LEU A 254 5.64 4.87 19.97
CA LEU A 254 4.85 4.68 18.75
C LEU A 254 5.75 4.50 17.53
N TYR A 255 6.86 5.22 17.47
CA TYR A 255 7.80 5.05 16.36
C TYR A 255 8.21 3.60 16.23
N ALA A 256 8.62 2.97 17.33
CA ALA A 256 9.02 1.58 17.29
C ALA A 256 7.88 0.67 16.82
N LYS A 257 6.66 0.96 17.25
CA LYS A 257 5.52 0.14 16.87
C LYS A 257 5.25 0.22 15.37
N MET A 258 5.60 1.34 14.75
CA MET A 258 5.40 1.49 13.31
C MET A 258 6.53 0.85 12.51
N ILE A 259 7.77 0.88 13.03
CA ILE A 259 8.85 0.13 12.39
C ILE A 259 8.51 -1.36 12.38
N GLN A 260 7.90 -1.85 13.47
CA GLN A 260 7.51 -3.26 13.50
C GLN A 260 6.38 -3.56 12.53
N LYS A 261 5.52 -2.58 12.23
CA LYS A 261 4.49 -2.79 11.24
C LYS A 261 5.10 -2.96 9.85
N LEU A 262 6.18 -2.22 9.56
CA LEU A 262 6.92 -2.44 8.32
C LEU A 262 7.35 -3.89 8.18
N ALA A 263 7.89 -4.47 9.25
CA ALA A 263 8.34 -5.87 9.18
C ALA A 263 7.17 -6.81 8.96
N ASP A 264 6.03 -6.54 9.60
CA ASP A 264 4.84 -7.35 9.34
C ASP A 264 4.44 -7.27 7.87
N LEU A 265 4.59 -6.09 7.27
CA LEU A 265 4.26 -5.93 5.86
C LEU A 265 5.10 -6.86 4.99
N ARG A 266 6.37 -7.07 5.36
CA ARG A 266 7.21 -7.98 4.61
C ARG A 266 6.71 -9.42 4.72
N SER A 267 6.23 -9.81 5.89
CA SER A 267 5.69 -11.16 6.03
C SER A 267 4.37 -11.30 5.29
N LEU A 268 3.58 -10.24 5.21
CA LEU A 268 2.33 -10.29 4.46
C LEU A 268 2.59 -10.31 2.96
N ASN A 269 3.55 -9.50 2.52
CA ASN A 269 4.00 -9.51 1.12
C ASN A 269 4.35 -10.93 0.68
N GLU A 270 5.14 -11.63 1.48
CA GLU A 270 5.57 -12.97 1.08
C GLU A 270 4.39 -13.93 1.00
N GLU A 271 3.47 -13.85 1.97
CA GLU A 271 2.31 -14.74 1.92
C GLU A 271 1.44 -14.42 0.72
N HIS A 272 1.27 -13.14 0.42
CA HIS A 272 0.50 -12.76 -0.76
C HIS A 272 1.13 -13.32 -2.03
N SER A 273 2.46 -13.21 -2.15
CA SER A 273 3.13 -13.75 -3.33
C SER A 273 2.87 -15.24 -3.50
N LYS A 274 2.85 -16.00 -2.39
CA LYS A 274 2.56 -17.43 -2.51
C LYS A 274 1.15 -17.65 -3.04
N GLN A 275 0.18 -16.95 -2.46
CA GLN A 275 -1.21 -17.07 -2.91
C GLN A 275 -1.34 -16.60 -4.36
N TYR A 276 -0.81 -15.41 -4.64
CA TYR A 276 -0.91 -14.84 -5.98
C TYR A 276 -0.28 -15.77 -7.02
N ARG A 277 0.87 -16.35 -6.69
CA ARG A 277 1.57 -17.24 -7.63
C ARG A 277 0.65 -18.37 -8.08
N SER A 278 -0.18 -18.90 -7.18
CA SER A 278 -1.10 -19.96 -7.56
C SER A 278 -2.18 -19.46 -8.51
N LEU A 279 -2.69 -18.25 -8.27
CA LEU A 279 -3.58 -17.62 -9.23
C LEU A 279 -2.90 -17.45 -10.58
N SER A 280 -1.81 -16.70 -10.60
CA SER A 280 -1.09 -16.37 -11.82
C SER A 280 -0.79 -17.59 -12.68
N PHE A 281 -0.73 -18.79 -12.08
CA PHE A 281 -0.35 -20.00 -12.79
C PHE A 281 -1.53 -20.77 -13.36
N GLN A 282 -2.76 -20.42 -13.00
CA GLN A 282 -3.92 -21.07 -13.58
C GLN A 282 -4.56 -20.11 -14.59
N PRO A 283 -4.36 -20.31 -15.91
CA PRO A 283 -4.82 -19.32 -16.91
C PRO A 283 -6.29 -18.95 -16.75
N GLU A 284 -7.15 -19.91 -16.40
CA GLU A 284 -8.56 -19.61 -16.14
C GLU A 284 -8.73 -18.59 -15.02
N HIS A 285 -7.77 -18.53 -14.09
CA HIS A 285 -7.81 -17.49 -13.07
C HIS A 285 -7.01 -16.27 -13.47
N SER A 286 -5.79 -16.46 -13.99
CA SER A 286 -4.99 -15.28 -14.36
C SER A 286 -5.68 -14.43 -15.44
N MET A 287 -6.53 -15.04 -16.29
CA MET A 287 -7.24 -14.24 -17.28
C MET A 287 -8.18 -13.23 -16.65
N GLN A 288 -8.61 -13.47 -15.41
CA GLN A 288 -9.48 -12.50 -14.74
C GLN A 288 -8.71 -11.30 -14.17
N LEU A 289 -7.39 -11.37 -14.09
CA LEU A 289 -6.61 -10.25 -13.60
C LEU A 289 -6.60 -9.15 -14.65
N THR A 290 -5.94 -8.03 -14.34
CA THR A 290 -5.81 -6.95 -15.30
C THR A 290 -4.37 -6.86 -15.76
N PRO A 291 -4.12 -6.22 -16.91
CA PRO A 291 -2.72 -6.11 -17.36
C PRO A 291 -1.80 -5.40 -16.35
N LEU A 292 -2.27 -4.36 -15.66
CA LEU A 292 -1.42 -3.67 -14.68
C LEU A 292 -1.03 -4.60 -13.54
N VAL A 293 -2.02 -5.28 -12.95
CA VAL A 293 -1.75 -6.27 -11.92
C VAL A 293 -0.75 -7.31 -12.41
N LEU A 294 -0.96 -7.84 -13.62
CA LEU A 294 -0.08 -8.89 -14.12
C LEU A 294 1.34 -8.39 -14.25
N GLU A 295 1.52 -7.17 -14.73
CA GLU A 295 2.85 -6.62 -14.91
C GLU A 295 3.51 -6.30 -13.57
N VAL A 296 2.76 -5.71 -12.63
CA VAL A 296 3.33 -5.19 -11.39
C VAL A 296 3.63 -6.31 -10.41
N PHE A 297 2.72 -7.29 -10.29
CA PHE A 297 2.92 -8.46 -9.46
C PHE A 297 3.65 -9.58 -10.18
N GLY A 298 4.11 -9.36 -11.39
CA GLY A 298 4.80 -10.39 -12.14
C GLY A 298 6.30 -10.32 -11.91
N SER A 299 7.00 -11.35 -12.40
CA SER A 299 8.39 -11.57 -12.07
C SER A 299 9.37 -11.10 -13.15
N GLU A 300 8.92 -10.36 -14.16
CA GLU A 300 9.84 -9.89 -15.19
C GLU A 300 10.79 -8.83 -14.62
N VAL A 301 12.04 -8.85 -15.07
CA VAL A 301 13.03 -7.88 -14.63
C VAL A 301 13.55 -7.07 -15.82
N HIS B 2 8.34 -3.60 -18.72
CA HIS B 2 7.24 -2.98 -17.96
C HIS B 2 6.62 -1.79 -18.70
N LYS B 3 5.91 -2.03 -19.81
CA LYS B 3 5.43 -0.92 -20.63
C LYS B 3 4.44 -0.04 -19.87
N ILE B 4 3.50 -0.64 -19.14
CA ILE B 4 2.48 0.15 -18.46
C ILE B 4 3.11 0.99 -17.33
N LEU B 5 3.92 0.36 -16.47
CA LEU B 5 4.55 1.08 -15.37
C LEU B 5 5.36 2.26 -15.90
N HIS B 6 6.16 2.01 -16.93
CA HIS B 6 6.98 3.08 -17.48
C HIS B 6 6.12 4.23 -17.97
N ARG B 7 5.06 3.91 -18.72
CA ARG B 7 4.13 4.93 -19.19
C ARG B 7 3.49 5.71 -18.03
N LEU B 8 3.02 5.00 -17.00
CA LEU B 8 2.40 5.68 -15.86
C LEU B 8 3.40 6.53 -15.09
N LEU B 9 4.65 6.07 -14.98
CA LEU B 9 5.67 6.87 -14.32
C LEU B 9 5.94 8.16 -15.10
N GLN B 10 6.07 8.04 -16.43
CA GLN B 10 5.96 9.13 -17.42
C GLN B 10 6.59 8.70 -18.73
#